data_3DBP
#
_entry.id   3DBP
#
_cell.length_a   69.118
_cell.length_b   61.558
_cell.length_c   70.565
_cell.angle_alpha   90.00
_cell.angle_beta   112.76
_cell.angle_gamma   90.00
#
_symmetry.space_group_name_H-M   'P 1 21 1'
#
loop_
_entity.id
_entity.type
_entity.pdbx_description
1 polymer "Orotidine 5'-phosphate decarboxylase"
2 non-polymer 'SULFATE ION'
3 non-polymer "6-AMINOURIDINE 5'-MONOPHOSPHATE"
4 water water
#
_entity_poly.entity_id   1
_entity_poly.type   'polypeptide(L)'
_entity_poly.pdbx_seq_one_letter_code
;MGSSHHHHHHSSGLVPRGSHMKELSFGARAELPRIHPVASKLLRLMQKKETNLCLSADVSLARELLQLADALGPSICMLK
THVDILNDFTLDVMKELITLAKCHEFLIFEDRKFADIGNTVKKQYEGGIFKIASWADLVNAHVVPGSGVVKGLQEVGLPL
HRGCLLIAEMSSTGSLATGDYTRAAVRMAEEHSEFVVGFISGSRVSMKPEFLHLTPGVQLEAGGDNLGQQYNSPQEVIGK
RGSDIIIVGRGIISAADRLEAAEMYRKAAWEAYLSRLGV
;
_entity_poly.pdbx_strand_id   A,B
#
# COMPACT_ATOMS: atom_id res chain seq x y z
N LYS A 22 22.62 -24.01 15.19
CA LYS A 22 23.52 -22.94 15.70
C LYS A 22 23.44 -21.70 14.80
N GLU A 23 23.36 -20.53 15.42
CA GLU A 23 23.27 -19.24 14.72
C GLU A 23 24.52 -18.97 13.89
N LEU A 24 24.32 -18.59 12.63
CA LEU A 24 25.39 -18.19 11.74
C LEU A 24 25.59 -16.68 11.64
N SER A 25 26.83 -16.23 11.43
CA SER A 25 27.14 -14.82 11.20
C SER A 25 26.47 -14.34 9.92
N PHE A 26 26.37 -13.02 9.77
CA PHE A 26 25.87 -12.48 8.51
C PHE A 26 26.72 -12.96 7.34
N GLY A 27 28.05 -12.95 7.51
CA GLY A 27 28.96 -13.38 6.42
C GLY A 27 28.75 -14.82 6.02
N ALA A 28 28.52 -15.70 6.98
CA ALA A 28 28.22 -17.09 6.65
C ALA A 28 26.85 -17.27 6.01
N ARG A 29 25.87 -16.52 6.50
CA ARG A 29 24.53 -16.58 5.90
C ARG A 29 24.57 -16.14 4.43
N ALA A 30 25.44 -15.18 4.13
CA ALA A 30 25.65 -14.69 2.75
C ALA A 30 26.02 -15.81 1.78
N GLU A 31 26.58 -16.90 2.32
CA GLU A 31 27.06 -18.01 1.48
C GLU A 31 26.11 -19.20 1.45
N LEU A 32 24.99 -19.15 2.16
CA LEU A 32 24.08 -20.30 2.22
C LEU A 32 23.67 -20.72 0.81
N PRO A 33 23.56 -22.04 0.55
CA PRO A 33 23.19 -22.48 -0.79
C PRO A 33 21.90 -21.88 -1.37
N ARG A 34 20.90 -21.74 -0.51
CA ARG A 34 19.57 -21.26 -0.97
C ARG A 34 19.39 -19.75 -0.83
N ILE A 35 20.46 -19.04 -0.47
CA ILE A 35 20.40 -17.58 -0.31
C ILE A 35 20.02 -16.91 -1.63
N HIS A 36 19.20 -15.87 -1.54
CA HIS A 36 18.90 -15.08 -2.72
C HIS A 36 20.07 -14.12 -2.97
N PRO A 37 20.42 -13.84 -4.23
CA PRO A 37 21.54 -12.95 -4.50
C PRO A 37 21.45 -11.56 -3.83
N VAL A 38 20.26 -10.99 -3.72
CA VAL A 38 20.12 -9.69 -3.10
C VAL A 38 20.37 -9.80 -1.59
N ALA A 39 19.86 -10.87 -0.97
CA ALA A 39 20.14 -11.09 0.45
C ALA A 39 21.65 -11.33 0.67
N SER A 40 22.29 -12.04 -0.27
CA SER A 40 23.70 -12.34 -0.12
C SER A 40 24.51 -11.05 -0.20
N LYS A 41 24.15 -10.18 -1.15
CA LYS A 41 24.83 -8.91 -1.29
C LYS A 41 24.70 -8.09 0.01
N LEU A 42 23.47 -8.05 0.54
CA LEU A 42 23.22 -7.31 1.76
C LEU A 42 24.03 -7.88 2.93
N LEU A 43 23.95 -9.20 3.12
CA LEU A 43 24.63 -9.85 4.23
C LEU A 43 26.15 -9.64 4.17
N ARG A 44 26.74 -9.67 2.97
N ARG A 44 26.72 -9.69 2.96
CA ARG A 44 28.18 -9.43 2.87
CA ARG A 44 28.15 -9.45 2.75
C ARG A 44 28.57 -8.02 3.28
C ARG A 44 28.55 -8.06 3.24
N LEU A 45 27.78 -7.04 2.84
CA LEU A 45 28.12 -5.65 3.19
C LEU A 45 27.86 -5.38 4.67
N MET A 46 26.85 -6.05 5.22
CA MET A 46 26.60 -5.95 6.68
C MET A 46 27.84 -6.41 7.45
N GLN A 47 28.34 -7.57 7.07
CA GLN A 47 29.54 -8.13 7.69
C GLN A 47 30.72 -7.19 7.49
N LYS A 48 30.92 -6.76 6.25
CA LYS A 48 32.07 -5.94 5.90
C LYS A 48 32.11 -4.63 6.69
N LYS A 49 30.96 -3.95 6.76
CA LYS A 49 30.85 -2.64 7.37
C LYS A 49 30.47 -2.65 8.85
N GLU A 50 30.19 -3.83 9.39
CA GLU A 50 29.72 -4.00 10.77
C GLU A 50 28.51 -3.12 11.03
N THR A 51 27.54 -3.27 10.13
CA THR A 51 26.29 -2.55 10.32
C THR A 51 25.09 -3.37 9.91
N ASN A 52 24.14 -3.40 10.85
CA ASN A 52 22.80 -3.92 10.57
C ASN A 52 21.74 -2.86 10.85
N LEU A 53 22.09 -1.61 10.50
CA LEU A 53 21.18 -0.47 10.62
C LEU A 53 20.64 -0.09 9.24
N CYS A 54 19.32 0.00 9.14
CA CYS A 54 18.66 0.57 7.95
C CYS A 54 18.09 1.95 8.32
N LEU A 55 18.55 2.98 7.63
CA LEU A 55 18.02 4.33 7.82
C LEU A 55 16.67 4.44 7.10
N SER A 56 15.66 4.87 7.85
CA SER A 56 14.38 5.20 7.25
C SER A 56 14.42 6.67 6.90
N ALA A 57 14.65 6.94 5.62
CA ALA A 57 14.95 8.30 5.17
C ALA A 57 13.64 9.05 4.91
N ASP A 58 12.96 9.34 6.00
CA ASP A 58 11.62 9.89 5.91
C ASP A 58 11.73 11.42 5.87
N VAL A 59 11.89 11.90 4.64
CA VAL A 59 12.06 13.33 4.33
C VAL A 59 11.23 13.67 3.11
N SER A 60 10.94 14.97 2.94
N SER A 60 10.92 14.96 2.96
CA SER A 60 10.05 15.42 1.88
CA SER A 60 10.04 15.44 1.88
C SER A 60 10.79 16.06 0.72
C SER A 60 10.80 16.04 0.71
N LEU A 61 12.10 16.25 0.86
CA LEU A 61 12.91 16.85 -0.21
C LEU A 61 14.03 15.98 -0.74
N ALA A 62 14.16 15.91 -2.05
CA ALA A 62 15.24 15.14 -2.65
C ALA A 62 16.62 15.49 -2.07
N ARG A 63 16.88 16.78 -1.87
N ARG A 63 16.86 16.78 -1.86
CA ARG A 63 18.18 17.22 -1.38
CA ARG A 63 18.14 17.27 -1.35
C ARG A 63 18.51 16.55 -0.06
C ARG A 63 18.42 16.74 0.05
N GLU A 64 17.53 16.54 0.84
N GLU A 64 17.35 16.58 0.83
CA GLU A 64 17.70 15.97 2.17
CA GLU A 64 17.46 15.99 2.16
C GLU A 64 17.88 14.45 2.07
C GLU A 64 17.82 14.51 2.08
N LEU A 65 17.15 13.80 1.16
CA LEU A 65 17.32 12.35 0.98
C LEU A 65 18.77 12.07 0.59
N LEU A 66 19.24 12.82 -0.41
CA LEU A 66 20.61 12.62 -0.88
C LEU A 66 21.66 13.03 0.16
N GLN A 67 21.43 14.13 0.86
N GLN A 67 21.43 14.13 0.86
CA GLN A 67 22.38 14.60 1.87
CA GLN A 67 22.39 14.58 1.86
C GLN A 67 22.52 13.58 3.00
C GLN A 67 22.53 13.53 2.96
N LEU A 68 21.40 12.99 3.42
CA LEU A 68 21.44 12.01 4.50
C LEU A 68 22.04 10.68 4.04
N ALA A 69 21.69 10.25 2.83
CA ALA A 69 22.26 9.06 2.20
C ALA A 69 23.78 9.14 2.14
N ASP A 70 24.28 10.30 1.75
CA ASP A 70 25.73 10.45 1.61
C ASP A 70 26.39 10.52 2.98
N ALA A 71 25.86 11.33 3.87
CA ALA A 71 26.47 11.47 5.19
C ALA A 71 26.41 10.20 6.04
N LEU A 72 25.30 9.48 5.96
CA LEU A 72 25.11 8.33 6.83
C LEU A 72 25.43 7.02 6.14
N GLY A 73 25.66 7.08 4.84
CA GLY A 73 25.99 5.90 4.04
C GLY A 73 27.00 4.96 4.68
N PRO A 74 28.11 5.48 5.23
CA PRO A 74 29.07 4.54 5.84
C PRO A 74 28.57 3.79 7.07
N SER A 75 27.50 4.30 7.69
CA SER A 75 26.97 3.72 8.92
C SER A 75 25.85 2.74 8.69
N ILE A 76 25.33 2.64 7.47
CA ILE A 76 24.09 1.88 7.23
C ILE A 76 24.30 0.71 6.26
N CYS A 77 23.48 -0.33 6.41
CA CYS A 77 23.50 -1.40 5.42
C CYS A 77 22.43 -1.18 4.34
N MET A 78 21.52 -0.25 4.61
CA MET A 78 20.33 -0.10 3.78
C MET A 78 19.74 1.28 4.01
N LEU A 79 19.15 1.85 2.96
CA LEU A 79 18.42 3.10 3.07
C LEU A 79 16.99 2.79 2.58
N LYS A 80 16.03 3.02 3.48
CA LYS A 80 14.63 2.74 3.17
C LYS A 80 13.98 4.06 2.78
N THR A 81 13.31 4.04 1.61
CA THR A 81 12.65 5.22 1.06
C THR A 81 11.12 5.11 1.13
N HIS A 82 10.48 6.28 1.23
CA HIS A 82 9.07 6.41 0.80
C HIS A 82 9.09 7.41 -0.35
N VAL A 83 9.29 6.96 -1.58
CA VAL A 83 9.44 7.96 -2.65
C VAL A 83 8.18 8.78 -2.88
N ASP A 84 7.04 8.22 -2.45
CA ASP A 84 5.77 8.95 -2.64
C ASP A 84 5.56 10.12 -1.68
N ILE A 85 6.53 10.38 -0.80
N ILE A 85 6.50 10.38 -0.77
CA ILE A 85 6.48 11.50 0.12
CA ILE A 85 6.39 11.60 0.03
C ILE A 85 7.51 12.57 -0.28
C ILE A 85 7.38 12.68 -0.42
N LEU A 86 8.25 12.33 -1.37
CA LEU A 86 9.22 13.31 -1.89
C LEU A 86 8.49 14.34 -2.74
N ASN A 87 8.52 15.61 -2.34
CA ASN A 87 7.79 16.66 -3.06
C ASN A 87 8.34 16.86 -4.46
N ASP A 88 9.60 16.51 -4.63
CA ASP A 88 10.31 16.78 -5.88
C ASP A 88 11.02 15.54 -6.44
N PHE A 89 10.35 14.39 -6.31
CA PHE A 89 10.80 13.18 -6.94
C PHE A 89 11.01 13.37 -8.42
N THR A 90 12.16 12.88 -8.90
CA THR A 90 12.32 12.56 -10.31
C THR A 90 13.20 11.33 -10.38
N LEU A 91 13.25 10.71 -11.55
CA LEU A 91 14.15 9.59 -11.75
C LEU A 91 15.64 9.96 -11.65
N ASP A 92 15.96 11.23 -11.88
N ASP A 92 15.97 11.22 -11.90
CA ASP A 92 17.32 11.71 -11.70
CA ASP A 92 17.34 11.71 -11.71
C ASP A 92 17.76 11.72 -10.25
C ASP A 92 17.74 11.62 -10.25
N VAL A 93 16.80 11.92 -9.36
CA VAL A 93 17.08 11.83 -7.93
C VAL A 93 17.43 10.39 -7.61
N MET A 94 16.67 9.44 -8.17
N MET A 94 16.71 9.42 -8.18
CA MET A 94 16.94 8.01 -8.00
CA MET A 94 17.02 8.02 -7.90
C MET A 94 18.32 7.63 -8.51
C MET A 94 18.29 7.50 -8.58
N LYS A 95 18.64 8.08 -9.74
CA LYS A 95 19.97 7.86 -10.32
C LYS A 95 21.08 8.29 -9.37
N GLU A 96 20.97 9.48 -8.79
N GLU A 96 20.92 9.47 -8.76
CA GLU A 96 21.95 9.96 -7.82
CA GLU A 96 21.88 10.04 -7.80
C GLU A 96 21.97 9.02 -6.62
C GLU A 96 21.92 9.30 -6.46
N LEU A 97 20.80 8.70 -6.08
CA LEU A 97 20.73 7.83 -4.90
C LEU A 97 21.45 6.49 -5.14
N ILE A 98 21.29 5.95 -6.35
CA ILE A 98 21.98 4.70 -6.72
C ILE A 98 23.50 4.87 -6.71
N THR A 99 23.95 6.02 -7.22
CA THR A 99 25.39 6.34 -7.19
C THR A 99 25.90 6.30 -5.75
N LEU A 100 25.16 6.92 -4.81
CA LEU A 100 25.55 6.91 -3.40
C LEU A 100 25.52 5.50 -2.82
N ALA A 101 24.49 4.74 -3.17
CA ALA A 101 24.35 3.36 -2.69
C ALA A 101 25.53 2.51 -3.11
N LYS A 102 25.97 2.71 -4.36
CA LYS A 102 27.10 1.94 -4.87
C LYS A 102 28.41 2.39 -4.22
N CYS A 103 28.56 3.70 -4.02
CA CYS A 103 29.77 4.29 -3.46
C CYS A 103 29.96 3.82 -2.01
N HIS A 104 28.93 4.05 -1.21
CA HIS A 104 28.94 3.72 0.21
C HIS A 104 28.64 2.26 0.52
N GLU A 105 28.10 1.51 -0.42
CA GLU A 105 27.68 0.12 -0.24
C GLU A 105 26.51 -0.05 0.73
N PHE A 106 25.32 0.29 0.26
CA PHE A 106 24.08 -0.05 0.98
C PHE A 106 23.02 -0.35 -0.06
N LEU A 107 22.01 -1.12 0.34
CA LEU A 107 20.90 -1.38 -0.57
C LEU A 107 19.83 -0.31 -0.42
N ILE A 108 19.04 -0.16 -1.48
CA ILE A 108 17.87 0.72 -1.46
C ILE A 108 16.61 -0.12 -1.34
N PHE A 109 15.80 0.19 -0.32
CA PHE A 109 14.57 -0.53 -0.03
C PHE A 109 13.41 0.47 -0.10
N GLU A 110 12.56 0.33 -1.11
CA GLU A 110 11.39 1.23 -1.20
C GLU A 110 10.22 0.58 -0.43
N ASP A 111 9.82 1.28 0.65
CA ASP A 111 8.76 0.78 1.55
C ASP A 111 7.37 1.09 1.00
N ARG A 112 7.07 0.49 -0.13
CA ARG A 112 5.87 0.81 -0.89
C ARG A 112 4.67 0.01 -0.36
N LYS A 113 4.89 -1.11 0.32
N LYS A 113 4.93 -1.09 0.34
CA LYS A 113 3.78 -1.90 0.87
CA LYS A 113 3.86 -1.93 0.86
C LYS A 113 2.77 -2.25 -0.23
C LYS A 113 2.81 -2.25 -0.21
N PHE A 114 3.25 -2.85 -1.31
CA PHE A 114 2.28 -3.35 -2.33
C PHE A 114 1.23 -4.23 -1.67
N ALA A 115 -0.02 -4.05 -2.04
CA ALA A 115 -1.10 -4.62 -1.23
C ALA A 115 -2.38 -4.73 -2.04
N ASP A 116 -2.21 -4.96 -3.33
CA ASP A 116 -3.35 -5.05 -4.26
C ASP A 116 -3.28 -6.40 -4.96
N ILE A 117 -4.24 -6.63 -5.86
CA ILE A 117 -4.21 -7.86 -6.64
C ILE A 117 -2.96 -7.91 -7.51
N GLY A 118 -2.57 -9.12 -7.89
CA GLY A 118 -1.37 -9.35 -8.67
C GLY A 118 -1.28 -8.52 -9.94
N ASN A 119 -2.40 -8.41 -10.67
CA ASN A 119 -2.34 -7.72 -11.95
C ASN A 119 -2.05 -6.23 -11.77
N THR A 120 -2.52 -5.69 -10.64
CA THR A 120 -2.30 -4.28 -10.33
C THR A 120 -0.89 -3.98 -9.84
N VAL A 121 -0.42 -4.76 -8.86
CA VAL A 121 0.90 -4.48 -8.28
C VAL A 121 2.02 -4.61 -9.31
N LYS A 122 1.83 -5.51 -10.28
CA LYS A 122 2.82 -5.67 -11.35
C LYS A 122 3.07 -4.31 -12.02
N LYS A 123 1.97 -3.64 -12.36
N LYS A 123 1.98 -3.62 -12.35
CA LYS A 123 2.06 -2.31 -12.95
CA LYS A 123 2.10 -2.31 -12.96
C LYS A 123 2.63 -1.26 -12.00
C LYS A 123 2.59 -1.21 -12.01
N GLN A 124 2.19 -1.30 -10.74
CA GLN A 124 2.65 -0.32 -9.75
C GLN A 124 4.14 -0.45 -9.44
N TYR A 125 4.67 -1.65 -9.66
CA TYR A 125 6.08 -1.89 -9.39
C TYR A 125 6.95 -1.48 -10.58
N GLU A 126 6.51 -1.82 -11.79
N GLU A 126 6.54 -1.80 -11.80
CA GLU A 126 7.30 -1.52 -12.98
CA GLU A 126 7.37 -1.46 -12.95
C GLU A 126 7.12 -0.12 -13.55
C GLU A 126 7.16 -0.07 -13.52
N GLY A 127 5.92 0.42 -13.42
CA GLY A 127 5.50 1.58 -14.24
C GLY A 127 5.24 2.86 -13.50
N GLY A 128 4.32 3.66 -14.04
CA GLY A 128 4.01 4.96 -13.49
C GLY A 128 5.20 5.90 -13.51
N ILE A 129 5.12 6.96 -12.71
CA ILE A 129 6.18 7.94 -12.63
C ILE A 129 7.38 7.37 -11.86
N PHE A 130 7.14 6.54 -10.84
CA PHE A 130 8.26 6.15 -9.97
C PHE A 130 9.17 5.07 -10.55
N LYS A 131 8.66 4.19 -11.41
CA LYS A 131 9.48 3.10 -11.97
C LYS A 131 10.27 2.37 -10.85
N ILE A 132 9.57 1.98 -9.80
CA ILE A 132 10.23 1.52 -8.59
C ILE A 132 11.22 0.37 -8.86
N ALA A 133 10.83 -0.58 -9.69
CA ALA A 133 11.69 -1.75 -9.98
C ALA A 133 13.01 -1.36 -10.67
N SER A 134 13.08 -0.19 -11.27
N SER A 134 13.07 -0.17 -11.24
CA SER A 134 14.30 0.23 -11.97
CA SER A 134 14.27 0.29 -11.97
C SER A 134 15.41 0.59 -10.98
C SER A 134 15.36 0.81 -11.05
N TRP A 135 15.05 0.98 -9.76
CA TRP A 135 16.06 1.46 -8.79
C TRP A 135 16.07 0.78 -7.41
N ALA A 136 14.94 0.20 -7.00
CA ALA A 136 14.89 -0.38 -5.65
C ALA A 136 15.42 -1.80 -5.63
N ASP A 137 16.46 -2.06 -4.84
CA ASP A 137 16.92 -3.42 -4.65
C ASP A 137 15.84 -4.28 -4.01
N LEU A 138 15.21 -3.71 -2.99
CA LEU A 138 14.15 -4.40 -2.25
C LEU A 138 12.87 -3.56 -2.24
N VAL A 139 11.76 -4.28 -2.27
CA VAL A 139 10.45 -3.68 -1.97
C VAL A 139 9.77 -4.59 -0.95
N ASN A 140 8.59 -4.18 -0.50
CA ASN A 140 7.82 -5.01 0.43
C ASN A 140 6.37 -5.11 0.00
N ALA A 141 5.69 -6.12 0.52
CA ALA A 141 4.29 -6.38 0.18
C ALA A 141 3.57 -6.84 1.41
N HIS A 142 2.32 -6.37 1.57
CA HIS A 142 1.38 -7.00 2.49
C HIS A 142 0.87 -8.30 1.91
N VAL A 143 0.60 -9.26 2.81
CA VAL A 143 0.17 -10.59 2.37
C VAL A 143 -1.35 -10.74 2.31
N VAL A 144 -2.05 -9.70 2.78
CA VAL A 144 -3.52 -9.74 2.81
C VAL A 144 -4.22 -10.11 1.49
N PRO A 145 -3.67 -9.71 0.30
CA PRO A 145 -4.40 -10.12 -0.94
C PRO A 145 -4.26 -11.59 -1.30
N GLY A 146 -3.45 -12.36 -0.58
CA GLY A 146 -3.14 -13.70 -1.06
C GLY A 146 -1.90 -13.68 -1.93
N SER A 147 -1.41 -14.86 -2.29
CA SER A 147 -0.09 -14.94 -2.92
C SER A 147 0.02 -14.34 -4.33
N GLY A 148 -1.10 -14.00 -4.95
CA GLY A 148 -1.06 -13.25 -6.21
C GLY A 148 -0.30 -11.95 -6.10
N VAL A 149 -0.29 -11.36 -4.90
CA VAL A 149 0.50 -10.12 -4.74
C VAL A 149 1.98 -10.37 -5.01
N VAL A 150 2.49 -11.51 -4.54
CA VAL A 150 3.86 -11.90 -4.83
C VAL A 150 4.09 -12.32 -6.28
N LYS A 151 3.16 -13.11 -6.81
N LYS A 151 3.16 -13.10 -6.81
N LYS A 151 3.15 -13.10 -6.81
CA LYS A 151 3.25 -13.58 -8.19
CA LYS A 151 3.32 -13.58 -8.19
CA LYS A 151 3.27 -13.58 -8.19
C LYS A 151 3.32 -12.42 -9.16
C LYS A 151 3.32 -12.42 -9.18
C LYS A 151 3.33 -12.40 -9.16
N GLY A 152 2.46 -11.41 -8.97
CA GLY A 152 2.48 -10.20 -9.80
C GLY A 152 3.80 -9.46 -9.71
N LEU A 153 4.28 -9.23 -8.48
CA LEU A 153 5.54 -8.54 -8.28
C LEU A 153 6.72 -9.27 -8.92
N GLN A 154 6.71 -10.58 -8.76
CA GLN A 154 7.88 -11.34 -9.21
C GLN A 154 8.01 -11.32 -10.73
N GLU A 155 6.91 -11.19 -11.45
N GLU A 155 6.89 -11.18 -11.43
CA GLU A 155 6.98 -11.15 -12.90
CA GLU A 155 6.90 -11.14 -12.91
C GLU A 155 7.84 -9.98 -13.37
C GLU A 155 7.60 -9.88 -13.46
N VAL A 156 7.84 -8.90 -12.59
CA VAL A 156 8.69 -7.73 -12.85
C VAL A 156 10.03 -7.86 -12.09
N GLY A 157 9.98 -8.30 -10.84
CA GLY A 157 11.17 -8.28 -10.00
C GLY A 157 12.22 -9.34 -10.34
N LEU A 158 11.79 -10.51 -10.77
CA LEU A 158 12.77 -11.55 -11.10
C LEU A 158 13.67 -11.18 -12.29
N PRO A 159 13.09 -10.73 -13.43
CA PRO A 159 13.98 -10.28 -14.53
C PRO A 159 14.93 -9.17 -14.10
N LEU A 160 14.49 -8.30 -13.19
CA LEU A 160 15.35 -7.21 -12.73
C LEU A 160 16.19 -7.56 -11.50
N HIS A 161 16.22 -8.85 -11.14
CA HIS A 161 17.21 -9.30 -10.16
C HIS A 161 16.96 -8.68 -8.78
N ARG A 162 15.68 -8.47 -8.47
CA ARG A 162 15.28 -7.77 -7.24
C ARG A 162 14.81 -8.75 -6.19
N GLY A 163 14.60 -8.23 -4.96
CA GLY A 163 14.04 -9.04 -3.89
C GLY A 163 12.86 -8.33 -3.24
N CYS A 164 12.11 -9.12 -2.50
CA CYS A 164 10.90 -8.64 -1.80
C CYS A 164 10.88 -9.08 -0.35
N LEU A 165 10.34 -8.21 0.53
CA LEU A 165 10.12 -8.56 1.94
C LEU A 165 8.63 -8.66 2.17
N LEU A 166 8.17 -9.67 2.90
CA LEU A 166 6.75 -9.78 3.24
C LEU A 166 6.50 -9.22 4.63
N ILE A 167 5.40 -8.48 4.78
CA ILE A 167 5.11 -7.81 6.03
C ILE A 167 4.37 -8.81 6.96
N ALA A 168 5.15 -9.41 7.85
CA ALA A 168 4.62 -10.48 8.71
C ALA A 168 4.05 -9.96 10.03
N GLU A 169 4.59 -8.84 10.52
CA GLU A 169 4.09 -8.14 11.73
C GLU A 169 4.28 -6.65 11.48
N MET A 170 3.50 -5.85 12.21
CA MET A 170 3.64 -4.40 12.17
C MET A 170 3.82 -3.86 13.59
N SER A 171 4.47 -2.69 13.67
CA SER A 171 4.84 -2.11 14.94
C SER A 171 3.75 -1.31 15.61
N SER A 172 2.67 -1.04 14.88
CA SER A 172 1.71 -0.03 15.30
C SER A 172 0.61 -0.62 16.18
N THR A 173 0.01 0.24 17.00
CA THR A 173 -1.02 -0.22 17.91
C THR A 173 -2.24 -0.71 17.15
N GLY A 174 -2.70 -1.91 17.50
CA GLY A 174 -3.88 -2.48 16.90
C GLY A 174 -3.59 -3.32 15.65
N SER A 175 -2.30 -3.50 15.36
CA SER A 175 -1.92 -4.31 14.21
C SER A 175 -2.67 -5.66 14.19
N LEU A 176 -3.17 -6.02 13.00
CA LEU A 176 -3.82 -7.31 12.82
C LEU A 176 -2.87 -8.36 12.23
N ALA A 177 -1.60 -8.00 12.05
CA ALA A 177 -0.64 -8.95 11.50
C ALA A 177 -0.04 -9.78 12.63
N THR A 178 -0.89 -10.68 13.14
CA THR A 178 -0.53 -11.52 14.28
C THR A 178 -1.07 -12.92 14.03
N GLY A 179 -0.61 -13.86 14.85
CA GLY A 179 -1.21 -15.19 14.86
C GLY A 179 -1.14 -15.84 13.49
N ASP A 180 -2.29 -16.31 13.01
CA ASP A 180 -2.35 -17.03 11.75
C ASP A 180 -1.95 -16.17 10.54
N TYR A 181 -2.08 -14.85 10.69
CA TYR A 181 -1.77 -13.91 9.60
C TYR A 181 -0.26 -13.94 9.43
N THR A 182 0.45 -13.86 10.54
CA THR A 182 1.90 -13.93 10.48
C THR A 182 2.35 -15.28 9.90
N ARG A 183 1.72 -16.36 10.36
CA ARG A 183 2.07 -17.68 9.83
C ARG A 183 1.85 -17.74 8.33
N ALA A 184 0.76 -17.13 7.87
CA ALA A 184 0.50 -17.09 6.44
C ALA A 184 1.58 -16.37 5.67
N ALA A 185 2.09 -15.28 6.24
CA ALA A 185 3.20 -14.57 5.61
C ALA A 185 4.44 -15.44 5.47
N VAL A 186 4.77 -16.18 6.54
CA VAL A 186 5.93 -17.06 6.48
C VAL A 186 5.78 -18.16 5.41
N ARG A 187 4.61 -18.78 5.37
CA ARG A 187 4.35 -19.80 4.34
C ARG A 187 4.49 -19.22 2.93
N MET A 188 3.99 -18.01 2.74
N MET A 188 3.96 -18.02 2.73
CA MET A 188 4.02 -17.39 1.42
CA MET A 188 4.02 -17.35 1.43
C MET A 188 5.46 -17.08 1.02
C MET A 188 5.46 -17.10 1.02
N ALA A 189 6.26 -16.65 1.99
CA ALA A 189 7.67 -16.41 1.72
C ALA A 189 8.42 -17.67 1.34
N GLU A 190 8.20 -18.74 2.12
N GLU A 190 8.18 -18.74 2.11
CA GLU A 190 8.83 -20.05 1.90
CA GLU A 190 8.94 -19.96 1.93
C GLU A 190 8.59 -20.47 0.47
C GLU A 190 8.50 -20.68 0.64
N GLU A 191 7.33 -20.31 0.09
CA GLU A 191 6.84 -20.79 -1.20
C GLU A 191 7.23 -19.93 -2.42
N HIS A 192 7.74 -18.74 -2.13
CA HIS A 192 8.23 -17.83 -3.16
C HIS A 192 9.65 -17.35 -2.92
N SER A 193 10.49 -18.28 -2.45
CA SER A 193 11.88 -17.96 -2.11
C SER A 193 12.80 -17.52 -3.23
N GLU A 194 12.38 -17.70 -4.49
N GLU A 194 12.38 -17.69 -4.48
CA GLU A 194 13.15 -17.17 -5.61
CA GLU A 194 13.19 -17.16 -5.57
C GLU A 194 13.11 -15.64 -5.66
C GLU A 194 13.12 -15.63 -5.65
N PHE A 195 12.15 -15.05 -4.95
CA PHE A 195 11.96 -13.60 -4.98
C PHE A 195 11.88 -12.97 -3.58
N VAL A 196 11.20 -13.68 -2.68
CA VAL A 196 11.04 -13.19 -1.29
C VAL A 196 12.26 -13.56 -0.49
N VAL A 197 12.90 -12.53 0.08
CA VAL A 197 14.18 -12.69 0.78
C VAL A 197 14.04 -12.51 2.29
N GLY A 198 12.83 -12.28 2.77
CA GLY A 198 12.66 -12.07 4.21
C GLY A 198 11.41 -11.30 4.54
N PHE A 199 11.48 -10.67 5.72
CA PHE A 199 10.29 -10.13 6.37
C PHE A 199 10.49 -8.77 6.95
N ILE A 200 9.42 -8.00 6.96
CA ILE A 200 9.27 -6.94 7.95
C ILE A 200 8.52 -7.57 9.11
N SER A 201 9.13 -7.51 10.30
CA SER A 201 8.54 -8.18 11.47
C SER A 201 9.11 -7.53 12.74
N GLY A 202 8.49 -7.84 13.87
CA GLY A 202 8.98 -7.33 15.15
C GLY A 202 9.97 -8.26 15.82
N SER A 203 10.02 -9.49 15.33
N SER A 203 10.12 -9.45 15.25
CA SER A 203 10.85 -10.55 15.88
CA SER A 203 10.88 -10.53 15.87
C SER A 203 11.19 -11.51 14.75
C SER A 203 11.11 -11.58 14.80
N ARG A 204 12.03 -12.49 15.05
CA ARG A 204 12.25 -13.59 14.14
C ARG A 204 10.95 -14.38 13.96
N VAL A 205 10.53 -14.62 12.71
CA VAL A 205 9.28 -15.33 12.47
C VAL A 205 9.54 -16.62 11.68
N SER A 206 10.70 -16.70 11.04
CA SER A 206 11.11 -17.89 10.30
C SER A 206 12.39 -18.43 10.91
N MET A 207 12.46 -19.75 10.97
CA MET A 207 13.66 -20.41 11.48
C MET A 207 14.69 -20.63 10.38
N LYS A 208 14.35 -20.27 9.14
CA LYS A 208 15.25 -20.55 8.02
C LYS A 208 16.25 -19.41 7.90
N PRO A 209 17.57 -19.69 7.96
CA PRO A 209 18.52 -18.59 8.06
C PRO A 209 18.73 -17.83 6.76
N GLU A 210 18.21 -18.37 5.65
CA GLU A 210 18.25 -17.66 4.38
C GLU A 210 17.35 -16.41 4.37
N PHE A 211 16.42 -16.32 5.31
CA PHE A 211 15.49 -15.19 5.31
C PHE A 211 16.00 -14.08 6.23
N LEU A 212 15.90 -12.85 5.76
CA LEU A 212 16.21 -11.65 6.56
C LEU A 212 15.00 -11.26 7.42
N HIS A 213 15.26 -10.72 8.61
CA HIS A 213 14.21 -10.08 9.41
C HIS A 213 14.62 -8.63 9.63
N LEU A 214 13.75 -7.71 9.22
CA LEU A 214 14.00 -6.28 9.38
C LEU A 214 12.89 -5.74 10.27
N THR A 215 13.28 -4.99 11.28
CA THR A 215 12.32 -4.52 12.29
C THR A 215 12.28 -3.03 12.46
N PRO A 216 11.14 -2.40 12.11
CA PRO A 216 10.93 -0.98 12.35
C PRO A 216 10.27 -0.80 13.73
N GLY A 217 9.93 0.43 14.08
CA GLY A 217 9.45 0.72 15.44
C GLY A 217 10.60 0.57 16.43
N VAL A 218 11.71 1.22 16.13
CA VAL A 218 12.90 1.12 16.97
C VAL A 218 13.37 2.51 17.38
N GLN A 219 13.57 2.69 18.70
N GLN A 219 13.58 2.70 18.69
CA GLN A 219 14.25 3.85 19.25
CA GLN A 219 14.31 3.88 19.18
C GLN A 219 15.01 3.40 20.49
C GLN A 219 14.96 3.45 20.50
N LEU A 220 15.99 4.18 20.92
CA LEU A 220 16.71 3.84 22.15
C LEU A 220 15.83 3.91 23.40
N GLU A 221 14.92 4.89 23.45
CA GLU A 221 14.08 5.10 24.62
C GLU A 221 12.73 4.43 24.44
N ALA A 222 12.09 4.07 25.53
CA ALA A 222 10.70 3.64 25.48
C ALA A 222 9.86 4.79 24.95
N GLY A 223 8.77 4.46 24.25
CA GLY A 223 7.84 5.48 23.80
C GLY A 223 7.11 5.04 22.55
N GLY A 224 6.49 6.04 21.94
CA GLY A 224 5.70 5.85 20.72
C GLY A 224 5.60 7.18 20.02
N ASP A 225 4.64 7.30 19.11
CA ASP A 225 4.32 8.61 18.55
C ASP A 225 2.84 8.92 18.80
N ASN A 226 2.33 9.99 18.20
CA ASN A 226 0.95 10.36 18.48
C ASN A 226 -0.06 9.69 17.56
N LEU A 227 0.41 8.79 16.69
CA LEU A 227 -0.44 8.10 15.71
C LEU A 227 -0.16 6.60 15.69
N GLY A 228 -0.01 6.01 16.87
CA GLY A 228 0.04 4.57 17.00
C GLY A 228 1.37 3.84 16.83
N GLN A 229 2.43 4.59 16.54
CA GLN A 229 3.76 3.94 16.50
C GLN A 229 4.15 3.50 17.90
N GLN A 230 4.78 2.33 18.00
CA GLN A 230 5.30 1.84 19.28
C GLN A 230 6.74 1.45 19.10
N TYR A 231 7.58 1.85 20.05
CA TYR A 231 9.02 1.64 19.93
C TYR A 231 9.51 0.54 20.85
N ASN A 232 10.47 -0.23 20.34
CA ASN A 232 11.31 -1.10 21.18
C ASN A 232 12.77 -0.81 20.90
N SER A 233 13.67 -1.20 21.81
CA SER A 233 15.06 -0.85 21.65
C SER A 233 15.80 -1.79 20.71
N PRO A 234 16.94 -1.32 20.18
CA PRO A 234 17.75 -2.25 19.37
C PRO A 234 18.14 -3.53 20.13
N GLN A 235 18.48 -3.42 21.41
CA GLN A 235 18.85 -4.64 22.13
C GLN A 235 17.69 -5.61 22.24
N GLU A 236 16.51 -5.07 22.51
CA GLU A 236 15.31 -5.90 22.59
C GLU A 236 15.02 -6.60 21.25
N VAL A 237 15.08 -5.83 20.17
CA VAL A 237 14.69 -6.36 18.85
C VAL A 237 15.69 -7.33 18.24
N ILE A 238 16.98 -6.97 18.31
CA ILE A 238 18.04 -7.79 17.72
C ILE A 238 18.42 -8.92 18.68
N GLY A 239 18.63 -8.55 19.93
CA GLY A 239 19.12 -9.48 20.94
C GLY A 239 18.08 -10.45 21.46
N LYS A 240 16.99 -9.94 22.03
CA LYS A 240 15.97 -10.82 22.60
C LYS A 240 14.99 -11.38 21.58
N ARG A 241 14.64 -10.60 20.56
CA ARG A 241 13.59 -11.03 19.62
C ARG A 241 14.18 -11.66 18.36
N GLY A 242 15.49 -11.60 18.19
CA GLY A 242 16.17 -12.38 17.17
C GLY A 242 16.09 -11.81 15.76
N SER A 243 15.78 -10.52 15.63
N SER A 243 15.76 -10.53 15.63
CA SER A 243 15.71 -9.94 14.30
CA SER A 243 15.70 -9.89 14.31
C SER A 243 17.11 -9.62 13.80
C SER A 243 17.11 -9.62 13.81
N ASP A 244 17.25 -9.28 12.52
CA ASP A 244 18.57 -9.04 11.93
C ASP A 244 18.95 -7.58 11.81
N ILE A 245 18.00 -6.74 11.38
CA ILE A 245 18.25 -5.36 10.99
C ILE A 245 17.23 -4.48 11.71
N ILE A 246 17.70 -3.35 12.23
CA ILE A 246 16.76 -2.35 12.76
C ILE A 246 16.51 -1.30 11.69
N ILE A 247 15.26 -0.83 11.60
CA ILE A 247 14.90 0.28 10.73
C ILE A 247 14.56 1.45 11.65
N VAL A 248 15.27 2.55 11.45
CA VAL A 248 15.15 3.72 12.35
C VAL A 248 15.01 5.00 11.52
N GLY A 249 13.93 5.75 11.77
CA GLY A 249 13.68 7.02 11.10
C GLY A 249 13.93 8.17 12.03
N ARG A 250 12.88 8.62 12.72
CA ARG A 250 12.93 9.81 13.57
C ARG A 250 14.02 9.72 14.64
N GLY A 251 14.28 8.53 15.16
CA GLY A 251 15.34 8.38 16.17
C GLY A 251 16.65 8.93 15.69
N ILE A 252 16.89 8.82 14.39
CA ILE A 252 18.07 9.42 13.78
C ILE A 252 17.77 10.82 13.22
N ILE A 253 16.77 10.95 12.36
N ILE A 253 16.76 10.94 12.37
CA ILE A 253 16.61 12.18 11.60
CA ILE A 253 16.56 12.16 11.59
C ILE A 253 16.26 13.40 12.46
C ILE A 253 16.25 13.39 12.46
N SER A 254 15.53 13.18 13.55
CA SER A 254 15.19 14.27 14.49
C SER A 254 16.32 14.65 15.45
N ALA A 255 17.34 13.79 15.54
CA ALA A 255 18.46 14.08 16.45
C ALA A 255 19.22 15.32 16.00
N ALA A 256 19.82 16.05 16.94
CA ALA A 256 20.67 17.17 16.54
C ALA A 256 21.83 16.71 15.69
N ASP A 257 22.47 15.63 16.12
CA ASP A 257 23.62 15.11 15.38
C ASP A 257 23.22 13.77 14.77
N ARG A 258 22.88 13.80 13.48
CA ARG A 258 22.38 12.61 12.81
C ARG A 258 23.49 11.59 12.63
N LEU A 259 24.73 12.05 12.49
CA LEU A 259 25.87 11.14 12.37
C LEU A 259 26.10 10.36 13.65
N GLU A 260 26.16 11.09 14.76
CA GLU A 260 26.28 10.44 16.06
C GLU A 260 25.10 9.52 16.34
N ALA A 261 23.89 9.97 16.01
CA ALA A 261 22.73 9.10 16.25
C ALA A 261 22.81 7.80 15.44
N ALA A 262 23.17 7.93 14.15
CA ALA A 262 23.29 6.73 13.33
C ALA A 262 24.34 5.78 13.92
N GLU A 263 25.44 6.34 14.39
CA GLU A 263 26.47 5.52 14.99
C GLU A 263 26.02 4.84 16.27
N MET A 264 25.28 5.54 17.13
N MET A 264 25.28 5.56 17.12
CA MET A 264 24.73 4.89 18.31
CA MET A 264 24.68 4.96 18.31
C MET A 264 23.79 3.74 17.94
C MET A 264 23.77 3.78 17.96
N TYR A 265 22.93 3.96 16.95
CA TYR A 265 22.02 2.87 16.57
C TYR A 265 22.78 1.71 15.93
N ARG A 266 23.77 2.03 15.09
CA ARG A 266 24.57 0.98 14.46
C ARG A 266 25.30 0.17 15.54
N LYS A 267 25.90 0.87 16.51
CA LYS A 267 26.67 0.14 17.53
C LYS A 267 25.76 -0.72 18.40
N ALA A 268 24.58 -0.17 18.70
CA ALA A 268 23.61 -0.90 19.50
C ALA A 268 23.14 -2.19 18.80
N ALA A 269 22.73 -2.02 17.53
CA ALA A 269 22.25 -3.19 16.78
C ALA A 269 23.36 -4.21 16.52
N TRP A 270 24.58 -3.71 16.29
CA TRP A 270 25.68 -4.60 15.93
C TRP A 270 26.09 -5.41 17.15
N GLU A 271 26.23 -4.77 18.31
N GLU A 271 26.22 -4.74 18.30
CA GLU A 271 26.65 -5.54 19.49
CA GLU A 271 26.59 -5.43 19.53
C GLU A 271 25.55 -6.44 20.05
C GLU A 271 25.56 -6.47 19.93
N ALA A 272 24.28 -6.11 19.81
CA ALA A 272 23.19 -7.02 20.13
C ALA A 272 23.29 -8.26 19.25
N TYR A 273 23.62 -8.08 17.97
CA TYR A 273 23.82 -9.20 17.07
C TYR A 273 25.00 -10.09 17.51
N LEU A 274 26.11 -9.44 17.81
CA LEU A 274 27.34 -10.18 18.21
C LEU A 274 27.09 -11.02 19.46
N SER A 275 26.38 -10.44 20.43
N SER A 275 26.36 -10.46 20.41
CA SER A 275 26.11 -11.12 21.69
CA SER A 275 26.10 -11.12 21.70
C SER A 275 25.25 -12.36 21.43
C SER A 275 25.16 -12.30 21.56
N ARG A 276 24.17 -12.17 20.68
CA ARG A 276 23.24 -13.24 20.37
C ARG A 276 24.00 -14.37 19.71
N LEU A 277 25.01 -13.99 18.93
CA LEU A 277 25.79 -14.92 18.14
C LEU A 277 26.75 -15.73 19.02
N GLY A 278 27.16 -15.16 20.14
CA GLY A 278 28.07 -15.82 21.06
C GLY A 278 29.50 -15.75 20.57
N LYS B 22 -36.69 -2.98 5.78
CA LYS B 22 -36.79 -2.88 4.29
C LYS B 22 -35.78 -1.90 3.74
N GLU B 23 -35.09 -2.34 2.68
CA GLU B 23 -34.01 -1.61 2.03
C GLU B 23 -34.39 -0.19 1.59
N LEU B 24 -33.58 0.80 1.98
CA LEU B 24 -33.77 2.15 1.52
C LEU B 24 -33.12 2.39 0.15
N SER B 25 -33.72 3.23 -0.66
CA SER B 25 -33.11 3.64 -1.91
C SER B 25 -31.84 4.44 -1.65
N PHE B 26 -31.01 4.55 -2.68
CA PHE B 26 -29.86 5.46 -2.60
C PHE B 26 -30.25 6.91 -2.26
N GLY B 27 -31.30 7.43 -2.88
CA GLY B 27 -31.75 8.80 -2.58
C GLY B 27 -32.12 8.98 -1.12
N ALA B 28 -32.81 7.99 -0.55
CA ALA B 28 -33.16 8.08 0.85
C ALA B 28 -31.92 7.97 1.75
N ARG B 29 -31.01 7.07 1.40
CA ARG B 29 -29.80 6.92 2.22
C ARG B 29 -28.98 8.22 2.22
N ALA B 30 -29.06 9.00 1.14
CA ALA B 30 -28.33 10.28 1.04
C ALA B 30 -28.78 11.25 2.15
N GLU B 31 -29.96 10.97 2.70
CA GLU B 31 -30.57 11.84 3.71
C GLU B 31 -30.46 11.29 5.12
N LEU B 32 -29.82 10.14 5.31
CA LEU B 32 -29.69 9.54 6.64
C LEU B 32 -29.01 10.49 7.63
N PRO B 33 -29.42 10.48 8.91
CA PRO B 33 -28.87 11.44 9.88
C PRO B 33 -27.36 11.41 10.02
N ARG B 34 -26.81 10.20 10.05
N ARG B 34 -26.77 10.23 10.06
CA ARG B 34 -25.38 9.95 10.28
CA ARG B 34 -25.33 10.13 10.28
C ARG B 34 -24.55 9.95 8.98
C ARG B 34 -24.55 9.95 8.98
N ILE B 35 -25.17 10.31 7.86
CA ILE B 35 -24.51 10.22 6.54
C ILE B 35 -23.35 11.21 6.42
N HIS B 36 -22.22 10.75 5.90
CA HIS B 36 -21.13 11.67 5.61
C HIS B 36 -21.45 12.50 4.37
N PRO B 37 -21.06 13.78 4.32
CA PRO B 37 -21.36 14.63 3.16
C PRO B 37 -20.88 14.06 1.81
N VAL B 38 -19.73 13.39 1.80
CA VAL B 38 -19.23 12.77 0.56
C VAL B 38 -20.11 11.59 0.12
N ALA B 39 -20.51 10.77 1.08
CA ALA B 39 -21.42 9.66 0.81
C ALA B 39 -22.76 10.23 0.35
N SER B 40 -23.23 11.31 0.97
CA SER B 40 -24.49 11.89 0.53
C SER B 40 -24.46 12.41 -0.92
N LYS B 41 -23.40 13.13 -1.27
CA LYS B 41 -23.25 13.60 -2.64
C LYS B 41 -23.25 12.42 -3.61
N LEU B 42 -22.51 11.37 -3.25
CA LEU B 42 -22.46 10.17 -4.10
C LEU B 42 -23.84 9.53 -4.26
N LEU B 43 -24.50 9.30 -3.14
CA LEU B 43 -25.80 8.64 -3.18
C LEU B 43 -26.82 9.42 -3.97
N ARG B 44 -26.79 10.74 -3.83
N ARG B 44 -26.79 10.75 -3.85
CA ARG B 44 -27.65 11.63 -4.61
CA ARG B 44 -27.68 11.58 -4.64
C ARG B 44 -27.42 11.50 -6.11
C ARG B 44 -27.43 11.45 -6.14
N LEU B 45 -26.17 11.45 -6.56
CA LEU B 45 -25.90 11.40 -8.00
C LEU B 45 -26.17 9.99 -8.56
N MET B 46 -26.01 8.98 -7.72
CA MET B 46 -26.35 7.60 -8.10
C MET B 46 -27.84 7.54 -8.42
N GLN B 47 -28.62 8.14 -7.51
CA GLN B 47 -30.08 8.11 -7.68
C GLN B 47 -30.47 8.92 -8.90
N LYS B 48 -29.90 10.10 -9.05
CA LYS B 48 -30.21 11.00 -10.17
C LYS B 48 -29.91 10.36 -11.52
N LYS B 49 -28.71 9.78 -11.63
CA LYS B 49 -28.22 9.27 -12.88
C LYS B 49 -28.56 7.81 -13.14
N GLU B 50 -29.14 7.15 -12.15
CA GLU B 50 -29.43 5.70 -12.23
C GLU B 50 -28.17 4.89 -12.58
N THR B 51 -27.13 5.14 -11.80
CA THR B 51 -25.93 4.34 -11.92
C THR B 51 -25.29 4.07 -10.58
N ASN B 52 -24.93 2.79 -10.40
CA ASN B 52 -24.11 2.34 -9.27
C ASN B 52 -22.84 1.64 -9.80
N LEU B 53 -22.32 2.17 -10.90
CA LEU B 53 -21.12 1.65 -11.55
C LEU B 53 -19.95 2.57 -11.24
N CYS B 54 -18.87 1.98 -10.72
CA CYS B 54 -17.59 2.67 -10.62
C CYS B 54 -16.63 2.12 -11.68
N LEU B 55 -16.16 2.98 -12.57
CA LEU B 55 -15.21 2.55 -13.59
C LEU B 55 -13.83 2.46 -12.94
N SER B 56 -13.16 1.32 -13.11
CA SER B 56 -11.79 1.20 -12.62
C SER B 56 -10.93 1.53 -13.83
N ALA B 57 -10.45 2.78 -13.87
CA ALA B 57 -9.78 3.29 -15.04
C ALA B 57 -8.31 2.88 -15.08
N ASP B 58 -8.09 1.57 -15.27
CA ASP B 58 -6.74 1.01 -15.15
C ASP B 58 -6.00 1.13 -16.48
N VAL B 59 -5.53 2.35 -16.72
CA VAL B 59 -4.80 2.68 -17.94
C VAL B 59 -3.52 3.40 -17.54
N SER B 60 -2.58 3.46 -18.49
CA SER B 60 -1.28 4.06 -18.19
C SER B 60 -1.10 5.44 -18.83
N LEU B 61 -2.04 5.85 -19.68
CA LEU B 61 -1.94 7.13 -20.41
C LEU B 61 -2.97 8.13 -19.95
N ALA B 62 -2.53 9.34 -19.66
CA ALA B 62 -3.45 10.39 -19.25
C ALA B 62 -4.52 10.62 -20.30
N ARG B 63 -4.15 10.59 -21.58
CA ARG B 63 -5.14 10.85 -22.62
C ARG B 63 -6.24 9.80 -22.61
N GLU B 64 -5.88 8.55 -22.38
CA GLU B 64 -6.87 7.49 -22.35
C GLU B 64 -7.74 7.62 -21.10
N LEU B 65 -7.12 7.93 -19.96
CA LEU B 65 -7.89 8.19 -18.75
C LEU B 65 -8.95 9.28 -18.95
N LEU B 66 -8.54 10.42 -19.52
CA LEU B 66 -9.45 11.54 -19.68
C LEU B 66 -10.50 11.24 -20.75
N GLN B 67 -10.12 10.52 -21.81
CA GLN B 67 -11.10 10.18 -22.83
C GLN B 67 -12.13 9.20 -22.28
N LEU B 68 -11.71 8.28 -21.43
CA LEU B 68 -12.70 7.39 -20.83
C LEU B 68 -13.59 8.15 -19.83
N ALA B 69 -12.98 9.03 -19.04
CA ALA B 69 -13.72 9.78 -18.03
C ALA B 69 -14.84 10.62 -18.68
N ASP B 70 -14.50 11.22 -19.82
CA ASP B 70 -15.44 12.05 -20.58
C ASP B 70 -16.55 11.21 -21.21
N ALA B 71 -16.18 10.15 -21.91
CA ALA B 71 -17.15 9.34 -22.66
C ALA B 71 -18.05 8.55 -21.73
N LEU B 72 -17.45 8.04 -20.66
CA LEU B 72 -18.19 7.17 -19.72
C LEU B 72 -18.78 7.90 -18.51
N GLY B 73 -18.43 9.18 -18.37
CA GLY B 73 -18.88 10.00 -17.23
C GLY B 73 -20.38 9.91 -16.98
N PRO B 74 -21.22 10.03 -18.03
CA PRO B 74 -22.67 9.92 -17.82
C PRO B 74 -23.15 8.57 -17.30
N SER B 75 -22.33 7.53 -17.47
CA SER B 75 -22.73 6.17 -17.13
C SER B 75 -22.28 5.74 -15.74
N ILE B 76 -21.44 6.54 -15.08
CA ILE B 76 -20.79 6.09 -13.85
C ILE B 76 -21.12 6.99 -12.67
N CYS B 77 -21.08 6.42 -11.45
CA CYS B 77 -21.16 7.24 -10.27
C CYS B 77 -19.78 7.63 -9.74
N MET B 78 -18.76 6.95 -10.24
CA MET B 78 -17.43 7.06 -9.63
C MET B 78 -16.39 6.58 -10.63
N LEU B 79 -15.22 7.19 -10.57
CA LEU B 79 -14.10 6.76 -11.38
C LEU B 79 -12.96 6.49 -10.40
N LYS B 80 -12.49 5.24 -10.44
CA LYS B 80 -11.42 4.79 -9.54
C LYS B 80 -10.12 4.84 -10.32
N THR B 81 -9.14 5.48 -9.69
CA THR B 81 -7.81 5.62 -10.28
C THR B 81 -6.75 4.79 -9.56
N HIS B 82 -5.69 4.47 -10.31
CA HIS B 82 -4.41 4.13 -9.69
C HIS B 82 -3.43 5.12 -10.32
N VAL B 83 -3.28 6.28 -9.69
N VAL B 83 -3.30 6.26 -9.64
CA VAL B 83 -2.44 7.26 -10.39
CA VAL B 83 -2.46 7.36 -10.16
C VAL B 83 -0.98 6.86 -10.45
C VAL B 83 -1.00 6.92 -10.36
N ASP B 84 -0.57 5.94 -9.57
CA ASP B 84 0.80 5.48 -9.62
C ASP B 84 1.14 4.59 -10.82
N ILE B 85 0.16 4.32 -11.68
N ILE B 85 0.18 4.32 -11.69
CA ILE B 85 0.38 3.53 -12.88
CA ILE B 85 0.47 3.60 -12.93
C ILE B 85 0.39 4.47 -14.09
C ILE B 85 0.28 4.49 -14.16
N LEU B 86 -0.07 5.70 -13.89
N LEU B 86 0.02 5.78 -13.94
CA LEU B 86 -0.05 6.68 -14.97
CA LEU B 86 -0.16 6.73 -15.04
C LEU B 86 1.38 7.06 -15.34
C LEU B 86 1.21 7.28 -15.44
N ASN B 87 1.71 6.87 -16.61
CA ASN B 87 3.07 7.17 -17.05
C ASN B 87 3.33 8.65 -17.17
N ASP B 88 2.28 9.39 -17.48
CA ASP B 88 2.39 10.83 -17.67
C ASP B 88 1.49 11.61 -16.70
N PHE B 89 1.42 11.11 -15.46
CA PHE B 89 0.78 11.87 -14.39
C PHE B 89 1.33 13.29 -14.30
N THR B 90 0.43 14.27 -14.18
CA THR B 90 0.80 15.60 -13.65
C THR B 90 -0.41 16.06 -12.86
N LEU B 91 -0.26 17.11 -12.05
CA LEU B 91 -1.41 17.67 -11.34
C LEU B 91 -2.39 18.30 -12.33
N ASP B 92 -1.92 18.75 -13.49
CA ASP B 92 -2.82 19.31 -14.51
C ASP B 92 -3.75 18.25 -15.07
N VAL B 93 -3.26 17.01 -15.18
CA VAL B 93 -4.14 15.92 -15.59
C VAL B 93 -5.26 15.75 -14.57
N MET B 94 -4.93 15.81 -13.28
N MET B 94 -4.91 15.80 -13.28
CA MET B 94 -5.96 15.65 -12.26
CA MET B 94 -5.91 15.69 -12.21
C MET B 94 -6.94 16.83 -12.24
C MET B 94 -6.93 16.82 -12.28
N LYS B 95 -6.46 18.02 -12.59
CA LYS B 95 -7.33 19.18 -12.74
C LYS B 95 -8.36 18.93 -13.85
N GLU B 96 -7.89 18.45 -15.00
CA GLU B 96 -8.79 18.05 -16.09
C GLU B 96 -9.76 16.94 -15.66
N LEU B 97 -9.27 16.00 -14.87
CA LEU B 97 -10.19 14.97 -14.39
C LEU B 97 -11.27 15.52 -13.47
N ILE B 98 -10.89 16.45 -12.59
CA ILE B 98 -11.86 17.11 -11.73
C ILE B 98 -12.93 17.85 -12.56
N THR B 99 -12.50 18.55 -13.61
CA THR B 99 -13.45 19.20 -14.51
C THR B 99 -14.49 18.22 -15.06
N LEU B 100 -14.03 17.07 -15.55
CA LEU B 100 -14.94 16.06 -16.11
C LEU B 100 -15.83 15.46 -15.01
N ALA B 101 -15.26 15.24 -13.83
CA ALA B 101 -16.02 14.74 -12.70
C ALA B 101 -17.15 15.70 -12.30
N LYS B 102 -16.85 16.99 -12.31
CA LYS B 102 -17.87 18.01 -12.01
C LYS B 102 -18.91 18.12 -13.11
N CYS B 103 -18.45 18.10 -14.35
CA CYS B 103 -19.34 18.21 -15.52
C CYS B 103 -20.33 17.04 -15.55
N HIS B 104 -19.78 15.84 -15.45
CA HIS B 104 -20.61 14.65 -15.57
C HIS B 104 -21.21 14.13 -14.27
N GLU B 105 -20.74 14.66 -13.13
CA GLU B 105 -21.22 14.29 -11.80
C GLU B 105 -20.82 12.86 -11.44
N PHE B 106 -19.55 12.70 -11.09
CA PHE B 106 -19.07 11.44 -10.50
C PHE B 106 -17.95 11.79 -9.53
N LEU B 107 -17.76 10.93 -8.53
CA LEU B 107 -16.66 11.08 -7.59
C LEU B 107 -15.40 10.45 -8.13
N ILE B 108 -14.27 10.99 -7.68
CA ILE B 108 -12.95 10.42 -7.97
C ILE B 108 -12.44 9.65 -6.74
N PHE B 109 -12.13 8.37 -6.94
CA PHE B 109 -11.67 7.49 -5.85
C PHE B 109 -10.26 7.02 -6.20
N GLU B 110 -9.24 7.44 -5.46
CA GLU B 110 -7.90 6.90 -5.69
C GLU B 110 -7.66 5.66 -4.85
N ASP B 111 -7.43 4.55 -5.55
CA ASP B 111 -7.33 3.24 -4.93
C ASP B 111 -5.89 3.04 -4.47
N ARG B 112 -5.49 3.83 -3.48
CA ARG B 112 -4.10 3.83 -3.04
C ARG B 112 -3.80 2.78 -2.00
N LYS B 113 -4.82 2.30 -1.31
N LYS B 113 -4.84 2.30 -1.33
CA LYS B 113 -4.63 1.24 -0.30
CA LYS B 113 -4.70 1.29 -0.28
C LYS B 113 -3.56 1.65 0.72
C LYS B 113 -3.60 1.65 0.70
N PHE B 114 -3.77 2.81 1.34
CA PHE B 114 -2.86 3.24 2.41
C PHE B 114 -2.78 2.10 3.43
N ALA B 115 -1.59 1.77 3.89
CA ALA B 115 -1.43 0.53 4.67
C ALA B 115 -0.19 0.58 5.55
N ASP B 116 0.12 1.78 6.03
CA ASP B 116 1.36 2.02 6.81
C ASP B 116 0.93 2.64 8.15
N ILE B 117 1.92 2.94 9.01
CA ILE B 117 1.60 3.59 10.27
C ILE B 117 1.02 4.99 10.00
N GLY B 118 0.26 5.48 10.98
CA GLY B 118 -0.42 6.76 10.81
C GLY B 118 0.45 7.95 10.41
N ASN B 119 1.65 8.01 10.98
CA ASN B 119 2.51 9.14 10.68
C ASN B 119 2.97 9.16 9.23
N THR B 120 3.14 7.95 8.68
CA THR B 120 3.55 7.82 7.30
C THR B 120 2.37 8.10 6.35
N VAL B 121 1.22 7.46 6.58
CA VAL B 121 0.12 7.63 5.61
C VAL B 121 -0.38 9.08 5.51
N LYS B 122 -0.29 9.84 6.60
N LYS B 122 -0.29 9.82 6.61
CA LYS B 122 -0.67 11.24 6.56
CA LYS B 122 -0.59 11.25 6.64
C LYS B 122 0.11 11.97 5.47
C LYS B 122 0.12 11.95 5.49
N LYS B 123 1.42 11.70 5.39
CA LYS B 123 2.29 12.31 4.37
C LYS B 123 2.04 11.77 2.95
N GLN B 124 1.79 10.47 2.88
CA GLN B 124 1.49 9.85 1.59
C GLN B 124 0.17 10.33 0.98
N TYR B 125 -0.71 10.78 1.84
CA TYR B 125 -2.03 11.26 1.41
C TYR B 125 -1.97 12.71 1.01
N GLU B 126 -1.28 13.53 1.79
CA GLU B 126 -1.23 14.97 1.54
C GLU B 126 -0.21 15.37 0.50
N GLY B 127 0.93 14.69 0.55
CA GLY B 127 2.17 15.22 -0.01
C GLY B 127 2.70 14.49 -1.23
N GLY B 128 4.02 14.52 -1.35
CA GLY B 128 4.68 13.94 -2.51
C GLY B 128 4.27 14.56 -3.84
N ILE B 129 4.54 13.85 -4.92
N ILE B 129 4.50 13.85 -4.92
CA ILE B 129 4.19 14.33 -6.25
CA ILE B 129 4.18 14.41 -6.22
C ILE B 129 2.68 14.29 -6.46
C ILE B 129 2.69 14.22 -6.56
N PHE B 130 2.03 13.25 -5.95
CA PHE B 130 0.64 13.03 -6.31
C PHE B 130 -0.34 13.95 -5.60
N LYS B 131 -0.01 14.40 -4.39
CA LYS B 131 -0.93 15.23 -3.60
C LYS B 131 -2.35 14.67 -3.67
N ILE B 132 -2.48 13.39 -3.32
CA ILE B 132 -3.75 12.70 -3.52
C ILE B 132 -4.94 13.43 -2.86
N ALA B 133 -4.77 13.93 -1.65
CA ALA B 133 -5.89 14.56 -0.95
C ALA B 133 -6.43 15.78 -1.70
N SER B 134 -5.58 16.39 -2.50
CA SER B 134 -5.99 17.62 -3.23
C SER B 134 -7.02 17.36 -4.31
N TRP B 135 -7.12 16.12 -4.82
CA TRP B 135 -8.03 15.83 -5.94
C TRP B 135 -8.93 14.62 -5.74
N ALA B 136 -8.60 13.72 -4.81
CA ALA B 136 -9.41 12.50 -4.69
C ALA B 136 -10.53 12.76 -3.67
N ASP B 137 -11.78 12.58 -4.08
CA ASP B 137 -12.89 12.59 -3.12
C ASP B 137 -12.80 11.48 -2.08
N LEU B 138 -12.44 10.29 -2.56
CA LEU B 138 -12.35 9.09 -1.72
C LEU B 138 -11.00 8.46 -1.90
N VAL B 139 -10.52 7.88 -0.81
CA VAL B 139 -9.36 6.97 -0.83
C VAL B 139 -9.72 5.75 0.00
N ASN B 140 -8.82 4.76 0.06
CA ASN B 140 -9.07 3.55 0.84
C ASN B 140 -7.84 3.21 1.65
N ALA B 141 -8.07 2.39 2.66
CA ALA B 141 -6.99 1.96 3.55
C ALA B 141 -7.17 0.52 3.92
N HIS B 142 -6.06 -0.19 4.03
CA HIS B 142 -6.06 -1.49 4.68
C HIS B 142 -6.11 -1.29 6.19
N VAL B 143 -6.75 -2.23 6.87
CA VAL B 143 -6.91 -2.10 8.30
C VAL B 143 -5.80 -2.79 9.09
N VAL B 144 -4.97 -3.58 8.40
CA VAL B 144 -3.87 -4.32 9.04
C VAL B 144 -2.99 -3.51 10.00
N PRO B 145 -2.72 -2.22 9.75
CA PRO B 145 -1.83 -1.52 10.73
C PRO B 145 -2.49 -1.18 12.05
N GLY B 146 -3.79 -1.44 12.18
CA GLY B 146 -4.53 -0.85 13.31
C GLY B 146 -5.07 0.55 12.99
N SER B 147 -5.88 1.11 13.89
CA SER B 147 -6.64 2.31 13.54
C SER B 147 -5.82 3.59 13.36
N GLY B 148 -4.54 3.55 13.74
CA GLY B 148 -3.67 4.67 13.41
C GLY B 148 -3.66 4.98 11.91
N VAL B 149 -3.83 3.96 11.07
CA VAL B 149 -3.90 4.23 9.65
C VAL B 149 -5.05 5.20 9.31
N VAL B 150 -6.21 5.00 9.94
CA VAL B 150 -7.32 5.91 9.73
C VAL B 150 -7.11 7.28 10.37
N LYS B 151 -6.55 7.28 11.58
CA LYS B 151 -6.33 8.54 12.30
C LYS B 151 -5.36 9.42 11.52
N GLY B 152 -4.34 8.80 10.93
CA GLY B 152 -3.39 9.61 10.16
C GLY B 152 -4.00 10.22 8.92
N LEU B 153 -4.83 9.44 8.23
CA LEU B 153 -5.49 9.95 7.04
C LEU B 153 -6.51 11.01 7.37
N GLN B 154 -7.22 10.78 8.48
CA GLN B 154 -8.37 11.63 8.77
C GLN B 154 -7.93 13.05 9.14
N GLU B 155 -6.74 13.21 9.70
N GLU B 155 -6.72 13.19 9.69
CA GLU B 155 -6.23 14.56 10.01
CA GLU B 155 -6.12 14.50 10.00
C GLU B 155 -6.12 15.40 8.74
C GLU B 155 -6.14 15.37 8.75
N VAL B 156 -5.76 14.75 7.64
CA VAL B 156 -5.62 15.42 6.35
C VAL B 156 -7.00 15.57 5.70
N GLY B 157 -7.82 14.53 5.75
CA GLY B 157 -9.04 14.52 4.98
C GLY B 157 -10.18 15.28 5.59
N LEU B 158 -10.15 15.47 6.91
CA LEU B 158 -11.25 16.16 7.59
C LEU B 158 -11.51 17.61 7.15
N PRO B 159 -10.49 18.50 7.15
CA PRO B 159 -10.83 19.86 6.66
C PRO B 159 -11.17 19.92 5.18
N LEU B 160 -10.66 18.94 4.42
CA LEU B 160 -10.93 18.87 3.00
C LEU B 160 -12.24 18.15 2.66
N HIS B 161 -13.00 17.74 3.68
CA HIS B 161 -14.29 17.07 3.50
C HIS B 161 -14.15 15.85 2.60
N ARG B 162 -13.07 15.10 2.79
CA ARG B 162 -12.84 13.85 2.04
C ARG B 162 -13.43 12.67 2.82
N GLY B 163 -13.57 11.52 2.13
CA GLY B 163 -13.97 10.27 2.78
C GLY B 163 -12.99 9.14 2.51
N CYS B 164 -13.11 8.09 3.32
CA CYS B 164 -12.25 6.93 3.23
C CYS B 164 -13.09 5.66 3.23
N LEU B 165 -12.63 4.66 2.47
CA LEU B 165 -13.22 3.33 2.46
C LEU B 165 -12.23 2.36 3.10
N LEU B 166 -12.69 1.51 4.01
CA LEU B 166 -11.80 0.50 4.58
C LEU B 166 -11.92 -0.82 3.83
N ILE B 167 -10.80 -1.50 3.64
CA ILE B 167 -10.79 -2.72 2.83
C ILE B 167 -11.11 -3.91 3.74
N ALA B 168 -12.38 -4.31 3.71
CA ALA B 168 -12.87 -5.36 4.61
C ALA B 168 -12.74 -6.79 4.10
N GLU B 169 -12.81 -6.93 2.77
CA GLU B 169 -12.62 -8.18 2.05
C GLU B 169 -11.90 -7.85 0.77
N MET B 170 -11.18 -8.84 0.23
CA MET B 170 -10.59 -8.69 -1.11
C MET B 170 -11.04 -9.80 -2.05
N SER B 171 -10.96 -9.51 -3.33
CA SER B 171 -11.51 -10.42 -4.34
C SER B 171 -10.56 -11.52 -4.75
N SER B 172 -9.30 -11.41 -4.35
CA SER B 172 -8.27 -12.27 -4.92
C SER B 172 -8.11 -13.60 -4.14
N THR B 173 -7.59 -14.59 -4.86
CA THR B 173 -7.43 -15.92 -4.28
C THR B 173 -6.41 -15.89 -3.14
N GLY B 174 -6.82 -16.45 -2.00
CA GLY B 174 -5.94 -16.50 -0.85
C GLY B 174 -6.07 -15.28 0.05
N SER B 175 -7.02 -14.39 -0.25
CA SER B 175 -7.22 -13.23 0.61
C SER B 175 -7.30 -13.58 2.09
N LEU B 176 -6.57 -12.85 2.92
CA LEU B 176 -6.65 -13.01 4.37
C LEU B 176 -7.66 -12.07 5.04
N ALA B 177 -8.36 -11.27 4.22
CA ALA B 177 -9.34 -10.34 4.76
C ALA B 177 -10.68 -11.06 4.93
N THR B 178 -10.71 -11.94 5.94
CA THR B 178 -11.88 -12.80 6.22
C THR B 178 -12.06 -12.89 7.73
N GLY B 179 -13.19 -13.43 8.16
CA GLY B 179 -13.37 -13.74 9.58
C GLY B 179 -13.20 -12.51 10.47
N ASP B 180 -12.35 -12.65 11.48
CA ASP B 180 -12.16 -11.59 12.47
C ASP B 180 -11.50 -10.36 11.83
N TYR B 181 -10.76 -10.57 10.75
CA TYR B 181 -10.15 -9.44 10.04
C TYR B 181 -11.23 -8.49 9.49
N THR B 182 -12.21 -9.08 8.82
CA THR B 182 -13.32 -8.32 8.27
C THR B 182 -14.09 -7.64 9.40
N ARG B 183 -14.33 -8.38 10.49
CA ARG B 183 -15.01 -7.82 11.65
C ARG B 183 -14.25 -6.62 12.21
N ALA B 184 -12.92 -6.72 12.26
CA ALA B 184 -12.08 -5.62 12.73
C ALA B 184 -12.25 -4.40 11.81
N ALA B 185 -12.36 -4.64 10.51
CA ALA B 185 -12.55 -3.51 9.59
C ALA B 185 -13.86 -2.78 9.85
N VAL B 186 -14.91 -3.55 10.07
CA VAL B 186 -16.24 -2.98 10.32
C VAL B 186 -16.26 -2.16 11.63
N ARG B 187 -15.65 -2.69 12.68
CA ARG B 187 -15.55 -1.98 13.94
C ARG B 187 -14.75 -0.68 13.76
N MET B 188 -13.65 -0.75 13.01
CA MET B 188 -12.82 0.42 12.80
C MET B 188 -13.60 1.52 12.06
N ALA B 189 -14.41 1.11 11.09
CA ALA B 189 -15.26 2.02 10.34
C ALA B 189 -16.28 2.70 11.25
N GLU B 190 -16.95 1.90 12.07
CA GLU B 190 -17.93 2.44 13.03
C GLU B 190 -17.32 3.46 13.96
N GLU B 191 -16.10 3.21 14.43
CA GLU B 191 -15.38 4.07 15.36
C GLU B 191 -14.79 5.34 14.75
N HIS B 192 -14.76 5.38 13.42
CA HIS B 192 -14.22 6.51 12.68
C HIS B 192 -15.19 6.97 11.59
N SER B 193 -16.48 6.98 11.94
CA SER B 193 -17.53 7.28 10.97
C SER B 193 -17.60 8.72 10.49
N GLU B 194 -16.86 9.63 11.13
CA GLU B 194 -16.76 11.00 10.63
C GLU B 194 -15.90 11.10 9.36
N PHE B 195 -15.14 10.02 9.06
CA PHE B 195 -14.23 10.04 7.90
C PHE B 195 -14.46 8.81 7.04
N VAL B 196 -14.73 7.69 7.68
CA VAL B 196 -14.93 6.41 6.96
C VAL B 196 -16.37 6.33 6.50
N VAL B 197 -16.54 6.26 5.18
CA VAL B 197 -17.87 6.27 4.55
C VAL B 197 -18.33 4.90 4.06
N GLY B 198 -17.50 3.88 4.23
CA GLY B 198 -17.87 2.54 3.77
C GLY B 198 -16.69 1.64 3.56
N PHE B 199 -16.94 0.63 2.73
CA PHE B 199 -16.04 -0.53 2.58
C PHE B 199 -15.72 -0.90 1.15
N ILE B 200 -14.51 -1.42 0.94
CA ILE B 200 -14.28 -2.29 -0.21
C ILE B 200 -14.55 -3.68 0.38
N SER B 201 -15.50 -4.40 -0.23
CA SER B 201 -15.85 -5.74 0.23
C SER B 201 -16.46 -6.53 -0.91
N GLY B 202 -16.66 -7.83 -0.66
CA GLY B 202 -17.34 -8.69 -1.64
C GLY B 202 -18.85 -8.76 -1.48
N SER B 203 -19.30 -8.34 -0.31
CA SER B 203 -20.70 -8.47 0.11
C SER B 203 -20.96 -7.36 1.10
N ARG B 204 -22.22 -7.16 1.44
CA ARG B 204 -22.57 -6.35 2.59
C ARG B 204 -21.85 -6.89 3.83
N VAL B 205 -21.11 -6.04 4.53
CA VAL B 205 -20.45 -6.43 5.78
C VAL B 205 -20.97 -5.68 7.00
N SER B 206 -21.64 -4.55 6.78
CA SER B 206 -22.24 -3.75 7.85
C SER B 206 -23.74 -3.65 7.57
N MET B 207 -24.54 -3.68 8.63
CA MET B 207 -25.97 -3.50 8.51
C MET B 207 -26.38 -2.03 8.57
N LYS B 208 -25.44 -1.15 8.88
CA LYS B 208 -25.73 0.27 8.98
C LYS B 208 -25.83 0.91 7.60
N PRO B 209 -26.99 1.48 7.24
CA PRO B 209 -27.16 1.89 5.84
C PRO B 209 -26.40 3.16 5.45
N GLU B 210 -25.80 3.84 6.42
N GLU B 210 -25.80 3.84 6.42
CA GLU B 210 -24.98 5.01 6.14
CA GLU B 210 -24.95 5.00 6.18
C GLU B 210 -23.62 4.62 5.57
C GLU B 210 -23.71 4.58 5.38
N PHE B 211 -23.30 3.33 5.57
CA PHE B 211 -22.06 2.86 4.95
C PHE B 211 -22.27 2.35 3.52
N LEU B 212 -21.38 2.79 2.63
CA LEU B 212 -21.35 2.28 1.26
C LEU B 212 -20.58 0.97 1.20
N HIS B 213 -21.03 0.06 0.34
CA HIS B 213 -20.25 -1.13 0.00
C HIS B 213 -19.89 -1.09 -1.48
N LEU B 214 -18.60 -1.09 -1.78
CA LEU B 214 -18.12 -1.11 -3.16
C LEU B 214 -17.43 -2.45 -3.40
N THR B 215 -17.76 -3.09 -4.51
CA THR B 215 -17.26 -4.43 -4.77
C THR B 215 -16.52 -4.54 -6.08
N PRO B 216 -15.20 -4.79 -6.03
CA PRO B 216 -14.41 -5.11 -7.20
C PRO B 216 -14.41 -6.62 -7.43
N GLY B 217 -13.68 -7.10 -8.43
CA GLY B 217 -13.76 -8.52 -8.83
C GLY B 217 -15.13 -8.82 -9.47
N VAL B 218 -15.51 -7.95 -10.38
CA VAL B 218 -16.81 -8.01 -11.06
C VAL B 218 -16.65 -8.11 -12.59
N GLN B 219 -17.27 -9.13 -13.19
CA GLN B 219 -17.43 -9.26 -14.64
C GLN B 219 -18.75 -9.94 -14.95
N LEU B 220 -19.26 -9.71 -16.15
CA LEU B 220 -20.49 -10.41 -16.54
C LEU B 220 -20.29 -11.92 -16.65
N GLU B 221 -19.13 -12.34 -17.16
CA GLU B 221 -18.81 -13.76 -17.37
C GLU B 221 -18.13 -14.35 -16.14
N ALA B 222 -18.33 -15.65 -15.91
CA ALA B 222 -17.53 -16.37 -14.94
C ALA B 222 -16.07 -16.35 -15.36
N GLY B 223 -15.18 -16.31 -14.36
CA GLY B 223 -13.77 -16.47 -14.60
C GLY B 223 -12.91 -15.79 -13.57
N GLY B 224 -11.71 -15.46 -14.01
CA GLY B 224 -10.70 -14.89 -13.13
C GLY B 224 -9.62 -14.36 -14.03
N ASP B 225 -8.48 -14.00 -13.46
CA ASP B 225 -7.35 -13.71 -14.32
C ASP B 225 -6.20 -14.66 -13.96
N ASN B 226 -5.02 -14.41 -14.50
CA ASN B 226 -3.90 -15.31 -14.30
C ASN B 226 -3.03 -14.98 -13.10
N LEU B 227 -3.48 -14.01 -12.30
CA LEU B 227 -2.74 -13.58 -11.12
C LEU B 227 -3.67 -13.44 -9.93
N GLY B 228 -4.58 -14.40 -9.79
CA GLY B 228 -5.39 -14.50 -8.58
C GLY B 228 -6.69 -13.71 -8.50
N GLN B 229 -7.03 -12.92 -9.51
CA GLN B 229 -8.31 -12.23 -9.46
C GLN B 229 -9.42 -13.25 -9.69
N GLN B 230 -10.55 -13.05 -9.02
CA GLN B 230 -11.74 -13.89 -9.17
C GLN B 230 -12.92 -12.96 -9.41
N TYR B 231 -13.76 -13.36 -10.35
CA TYR B 231 -14.93 -12.54 -10.71
C TYR B 231 -16.25 -13.13 -10.27
N ASN B 232 -17.14 -12.22 -9.90
CA ASN B 232 -18.55 -12.50 -9.71
C ASN B 232 -19.37 -11.53 -10.53
N SER B 233 -20.61 -11.90 -10.83
CA SER B 233 -21.44 -11.06 -11.69
C SER B 233 -22.03 -9.90 -10.90
N PRO B 234 -22.44 -8.83 -11.62
CA PRO B 234 -23.17 -7.72 -10.97
C PRO B 234 -24.44 -8.20 -10.27
N GLN B 235 -25.16 -9.12 -10.91
CA GLN B 235 -26.36 -9.61 -10.27
C GLN B 235 -26.04 -10.32 -8.95
N GLU B 236 -25.00 -11.14 -8.94
CA GLU B 236 -24.62 -11.86 -7.71
C GLU B 236 -24.21 -10.87 -6.62
N VAL B 237 -23.38 -9.90 -6.99
CA VAL B 237 -22.76 -9.02 -6.03
C VAL B 237 -23.75 -7.98 -5.49
N ILE B 238 -24.55 -7.41 -6.37
CA ILE B 238 -25.52 -6.39 -5.96
C ILE B 238 -26.80 -7.06 -5.44
N GLY B 239 -27.30 -8.03 -6.20
CA GLY B 239 -28.59 -8.68 -5.93
C GLY B 239 -28.59 -9.64 -4.77
N LYS B 240 -27.64 -10.57 -4.72
CA LYS B 240 -27.59 -11.55 -3.64
C LYS B 240 -26.65 -11.22 -2.48
N ARG B 241 -25.53 -10.58 -2.78
CA ARG B 241 -24.54 -10.28 -1.75
C ARG B 241 -24.75 -8.92 -1.10
N GLY B 242 -25.69 -8.14 -1.64
CA GLY B 242 -26.10 -6.89 -1.01
C GLY B 242 -25.18 -5.69 -1.06
N SER B 243 -24.23 -5.71 -1.99
N SER B 243 -24.22 -5.72 -1.99
CA SER B 243 -23.32 -4.56 -2.09
CA SER B 243 -23.30 -4.59 -2.18
C SER B 243 -23.98 -3.44 -2.90
C SER B 243 -24.04 -3.40 -2.80
N ASP B 244 -23.38 -2.25 -2.86
CA ASP B 244 -24.01 -1.05 -3.42
C ASP B 244 -23.55 -0.68 -4.83
N ILE B 245 -22.25 -0.79 -5.03
CA ILE B 245 -21.57 -0.31 -6.23
C ILE B 245 -20.66 -1.41 -6.74
N ILE B 246 -20.66 -1.61 -8.05
CA ILE B 246 -19.67 -2.49 -8.67
C ILE B 246 -18.47 -1.68 -9.18
N ILE B 247 -17.27 -2.21 -8.95
CA ILE B 247 -16.06 -1.62 -9.50
C ILE B 247 -15.62 -2.53 -10.63
N VAL B 248 -15.51 -2.01 -11.85
CA VAL B 248 -15.23 -2.84 -13.01
C VAL B 248 -14.10 -2.22 -13.83
N GLY B 249 -13.04 -3.01 -14.01
CA GLY B 249 -11.91 -2.57 -14.80
C GLY B 249 -11.95 -3.23 -16.16
N ARG B 250 -11.25 -4.35 -16.30
CA ARG B 250 -11.07 -5.02 -17.60
C ARG B 250 -12.39 -5.38 -18.29
N GLY B 251 -13.44 -5.70 -17.51
CA GLY B 251 -14.74 -5.99 -18.14
C GLY B 251 -15.22 -4.86 -19.04
N ILE B 252 -14.82 -3.64 -18.70
CA ILE B 252 -15.09 -2.47 -19.55
C ILE B 252 -13.88 -2.08 -20.40
N ILE B 253 -12.72 -1.89 -19.77
N ILE B 253 -12.72 -1.87 -19.80
CA ILE B 253 -11.55 -1.34 -20.44
CA ILE B 253 -11.61 -1.29 -20.53
C ILE B 253 -11.11 -2.18 -21.63
C ILE B 253 -11.06 -2.18 -21.63
N SER B 254 -11.29 -3.50 -21.53
CA SER B 254 -10.82 -4.40 -22.57
C SER B 254 -11.76 -4.49 -23.77
N ALA B 255 -12.97 -3.94 -23.63
CA ALA B 255 -13.94 -3.99 -24.74
C ALA B 255 -13.47 -3.09 -25.87
N ALA B 256 -13.88 -3.38 -27.11
CA ALA B 256 -13.59 -2.41 -28.15
C ALA B 256 -14.33 -1.10 -27.89
N ASP B 257 -15.62 -1.22 -27.64
CA ASP B 257 -16.44 -0.05 -27.35
C ASP B 257 -16.68 0.03 -25.85
N ARG B 258 -15.90 0.89 -25.19
CA ARG B 258 -16.00 0.99 -23.74
C ARG B 258 -17.31 1.60 -23.24
N LEU B 259 -17.94 2.42 -24.06
CA LEU B 259 -19.20 3.04 -23.69
C LEU B 259 -20.31 1.98 -23.65
N GLU B 260 -20.40 1.16 -24.68
CA GLU B 260 -21.39 0.10 -24.68
C GLU B 260 -21.17 -0.85 -23.51
N ALA B 261 -19.91 -1.17 -23.24
CA ALA B 261 -19.63 -2.06 -22.11
C ALA B 261 -20.03 -1.43 -20.78
N ALA B 262 -19.70 -0.16 -20.59
CA ALA B 262 -20.09 0.54 -19.36
C ALA B 262 -21.62 0.53 -19.21
N GLU B 263 -22.34 0.73 -20.31
CA GLU B 263 -23.78 0.69 -20.25
C GLU B 263 -24.32 -0.67 -19.86
N MET B 264 -23.69 -1.75 -20.36
N MET B 264 -23.69 -1.75 -20.36
CA MET B 264 -24.08 -3.10 -19.97
CA MET B 264 -24.14 -3.08 -19.95
C MET B 264 -23.93 -3.28 -18.46
C MET B 264 -23.93 -3.29 -18.45
N TYR B 265 -22.78 -2.87 -17.94
CA TYR B 265 -22.53 -2.97 -16.52
C TYR B 265 -23.44 -2.08 -15.67
N ARG B 266 -23.72 -0.89 -16.17
CA ARG B 266 -24.57 0.03 -15.44
C ARG B 266 -25.97 -0.55 -15.33
N LYS B 267 -26.48 -1.06 -16.45
CA LYS B 267 -27.83 -1.61 -16.42
C LYS B 267 -27.90 -2.85 -15.54
N ALA B 268 -26.87 -3.69 -15.62
CA ALA B 268 -26.84 -4.87 -14.75
C ALA B 268 -26.88 -4.50 -13.28
N ALA B 269 -26.00 -3.58 -12.88
CA ALA B 269 -25.91 -3.27 -11.47
C ALA B 269 -27.14 -2.51 -10.98
N TRP B 270 -27.67 -1.65 -11.86
CA TRP B 270 -28.78 -0.79 -11.47
C TRP B 270 -30.04 -1.63 -11.32
N GLU B 271 -30.30 -2.50 -12.29
CA GLU B 271 -31.46 -3.36 -12.17
C GLU B 271 -31.37 -4.36 -11.01
N ALA B 272 -30.16 -4.86 -10.70
CA ALA B 272 -30.01 -5.72 -9.54
C ALA B 272 -30.34 -4.99 -8.23
N TYR B 273 -29.97 -3.72 -8.18
CA TYR B 273 -30.25 -2.87 -7.04
C TYR B 273 -31.75 -2.66 -6.92
N LEU B 274 -32.40 -2.28 -8.02
CA LEU B 274 -33.87 -2.11 -8.05
C LEU B 274 -34.61 -3.37 -7.61
N SER B 275 -34.15 -4.53 -8.08
N SER B 275 -34.13 -4.54 -8.03
CA SER B 275 -34.70 -5.83 -7.68
CA SER B 275 -34.76 -5.82 -7.68
C SER B 275 -34.72 -5.97 -6.16
C SER B 275 -34.55 -6.26 -6.23
N ARG B 276 -33.59 -5.63 -5.55
CA ARG B 276 -33.36 -5.80 -4.12
C ARG B 276 -34.25 -4.88 -3.29
N LEU B 277 -34.68 -3.78 -3.89
CA LEU B 277 -35.61 -2.86 -3.21
C LEU B 277 -37.01 -3.47 -3.12
N GLY B 278 -37.36 -4.24 -4.15
CA GLY B 278 -38.65 -4.94 -4.29
C GLY B 278 -39.72 -4.58 -3.27
#